data_3B5K
#
_entry.id   3B5K
#
_cell.length_a   39.193
_cell.length_b   47.085
_cell.length_c   55.053
_cell.angle_alpha   90.00
_cell.angle_beta   96.41
_cell.angle_gamma   90.00
#
_symmetry.space_group_name_H-M   'P 1 21 1'
#
loop_
_entity.id
_entity.type
_entity.pdbx_description
1 polymer Interleukin-5
2 water water
#
_entity_poly.entity_id   1
_entity_poly.type   'polypeptide(L)'
_entity_poly.pdbx_seq_one_letter_code
;LEIPTSTVVKETLTQLSAHRALLTSNETLRLPVPTHKNHQLCIGEIFQGLDILKNQTVRGGTVERLFQNLSLIKKYIDRQ
KEKCGEERRRTRQFLDYLQEFLGVLSTEWAIEG
;
_entity_poly.pdbx_strand_id   A,B
#
# COMPACT_ATOMS: atom_id res chain seq x y z
N THR A 5 -10.75 -6.40 14.30
CA THR A 5 -10.38 -5.01 14.58
C THR A 5 -11.31 -4.09 13.78
N SER A 6 -12.49 -3.79 14.33
CA SER A 6 -13.57 -3.19 13.53
C SER A 6 -13.90 -1.75 13.98
N THR A 7 -13.88 -1.53 15.29
CA THR A 7 -14.18 -0.21 15.80
C THR A 7 -13.56 -0.06 17.22
N VAL A 8 -12.56 -0.91 17.40
CA VAL A 8 -11.37 -0.59 18.13
C VAL A 8 -10.72 0.57 17.32
N VAL A 9 -11.29 0.88 16.14
CA VAL A 9 -10.79 2.05 15.39
C VAL A 9 -11.34 3.37 15.97
N LYS A 10 -12.64 3.40 16.26
CA LYS A 10 -13.27 4.59 16.86
C LYS A 10 -12.80 4.81 18.29
N GLU A 11 -12.32 3.73 18.91
CA GLU A 11 -11.74 3.84 20.25
C GLU A 11 -10.32 4.40 20.14
N THR A 12 -9.58 3.90 19.16
CA THR A 12 -8.21 4.37 18.84
C THR A 12 -8.18 5.85 18.45
N LEU A 13 -9.23 6.28 17.75
CA LEU A 13 -9.36 7.67 17.31
C LEU A 13 -9.70 8.63 18.45
N THR A 14 -10.32 8.09 19.51
CA THR A 14 -10.76 8.86 20.66
C THR A 14 -9.59 8.97 21.61
N GLN A 15 -8.84 7.89 21.70
CA GLN A 15 -7.64 7.91 22.54
C GLN A 15 -6.57 8.88 21.97
N LEU A 16 -6.37 8.83 20.65
CA LEU A 16 -5.52 9.78 19.94
C LEU A 16 -5.85 11.23 20.28
N SER A 17 -7.09 11.65 20.00
CA SER A 17 -7.55 12.98 20.34
C SER A 17 -7.19 13.32 21.79
N ALA A 18 -7.63 12.46 22.71
CA ALA A 18 -7.47 12.68 24.15
C ALA A 18 -6.02 12.70 24.67
N HIS A 19 -5.07 12.31 23.83
CA HIS A 19 -3.64 12.26 24.19
C HIS A 19 -2.76 13.16 23.27
N ARG A 20 -3.39 14.09 22.58
CA ARG A 20 -2.78 15.00 21.63
C ARG A 20 -1.79 15.97 22.27
N ALA A 21 -2.18 16.58 23.41
CA ALA A 21 -1.30 17.47 24.19
C ALA A 21 -0.03 16.74 24.63
N LEU A 22 -0.18 15.51 25.12
CA LEU A 22 0.96 14.70 25.54
C LEU A 22 1.91 14.35 24.40
N LEU A 23 1.38 13.76 23.34
CA LEU A 23 2.17 13.40 22.17
C LEU A 23 2.78 14.63 21.45
N THR A 24 1.98 15.68 21.31
CA THR A 24 2.36 16.94 20.71
C THR A 24 3.38 17.67 21.59
N SER A 25 3.74 17.10 22.74
CA SER A 25 4.49 17.86 23.75
C SER A 25 5.96 18.01 23.41
N ASN A 26 6.50 16.99 22.73
CA ASN A 26 7.80 17.17 22.08
C ASN A 26 7.67 17.96 20.77
N GLU A 27 8.31 19.12 20.72
CA GLU A 27 8.22 20.04 19.58
C GLU A 27 9.50 20.02 18.76
N THR A 28 10.45 19.22 19.23
CA THR A 28 11.74 18.95 18.60
C THR A 28 11.66 17.77 17.61
N LEU A 29 10.75 16.85 17.91
CA LEU A 29 10.63 15.62 17.13
C LEU A 29 10.07 15.89 15.74
N ARG A 30 10.79 15.40 14.73
CA ARG A 30 10.30 15.47 13.34
C ARG A 30 10.04 14.06 12.86
N LEU A 31 8.84 13.77 12.36
CA LEU A 31 8.55 12.39 11.86
C LEU A 31 8.16 12.35 10.37
N PRO A 32 8.26 11.16 9.73
CA PRO A 32 7.87 11.13 8.32
C PRO A 32 6.39 11.43 8.20
N VAL A 33 6.04 12.27 7.22
CA VAL A 33 4.67 12.51 6.84
C VAL A 33 4.56 12.42 5.31
N PRO A 34 3.94 11.31 4.81
CA PRO A 34 3.67 11.20 3.37
C PRO A 34 3.21 12.51 2.72
N THR A 35 3.60 12.67 1.46
CA THR A 35 3.20 13.81 0.67
C THR A 35 1.79 13.60 0.04
N HIS A 36 1.16 12.50 0.38
CA HIS A 36 -0.04 12.11 -0.35
C HIS A 36 -0.94 11.24 0.53
N LYS A 37 -2.07 10.82 -0.01
CA LYS A 37 -3.02 10.14 0.85
C LYS A 37 -3.29 8.70 0.39
N ASN A 38 -2.24 8.09 -0.14
CA ASN A 38 -2.24 6.66 -0.36
C ASN A 38 -1.51 6.02 0.85
N HIS A 39 -2.30 5.85 1.90
CA HIS A 39 -1.82 5.46 3.20
C HIS A 39 -1.25 4.06 3.18
N GLN A 40 -1.89 3.20 2.39
CA GLN A 40 -1.58 1.78 2.26
C GLN A 40 -0.19 1.60 1.76
N LEU A 41 0.25 2.54 0.90
CA LEU A 41 1.56 2.50 0.28
C LEU A 41 2.67 2.80 1.25
N CYS A 42 2.29 3.54 2.30
CA CYS A 42 3.24 4.07 3.26
C CYS A 42 3.13 3.51 4.67
N ILE A 43 2.66 2.28 4.84
CA ILE A 43 2.48 1.74 6.20
C ILE A 43 3.79 1.62 7.03
N GLY A 44 4.85 1.25 6.34
CA GLY A 44 6.16 1.17 6.98
C GLY A 44 6.55 2.44 7.71
N GLU A 45 6.67 3.55 6.97
CA GLU A 45 6.94 4.87 7.54
C GLU A 45 5.94 5.34 8.65
N ILE A 46 4.64 5.03 8.52
CA ILE A 46 3.64 5.51 9.43
C ILE A 46 3.96 4.81 10.78
N PHE A 47 4.04 3.49 10.78
CA PHE A 47 4.35 2.69 11.96
C PHE A 47 5.74 2.79 12.58
N GLN A 48 6.76 3.12 11.78
CA GLN A 48 8.11 3.44 12.32
C GLN A 48 8.21 4.82 12.97
N GLY A 49 7.52 5.83 12.42
CA GLY A 49 7.37 7.12 13.08
C GLY A 49 6.56 6.95 14.36
N LEU A 50 5.44 6.23 14.29
CA LEU A 50 4.65 5.95 15.50
C LEU A 50 5.56 5.36 16.60
N ASP A 51 6.43 4.45 16.16
CA ASP A 51 7.49 3.86 16.99
C ASP A 51 8.43 4.81 17.72
N ILE A 52 9.02 5.77 16.98
CA ILE A 52 9.89 6.79 17.55
C ILE A 52 9.04 7.55 18.55
N LEU A 53 7.85 7.93 18.11
CA LEU A 53 6.96 8.68 18.96
C LEU A 53 6.86 7.95 20.31
N LYS A 54 6.62 6.63 20.29
CA LYS A 54 6.56 5.81 21.52
C LYS A 54 7.81 5.82 22.42
N ASN A 55 8.98 5.53 21.84
CA ASN A 55 10.20 5.48 22.67
C ASN A 55 10.64 6.85 23.23
N GLN A 56 9.80 7.89 23.06
CA GLN A 56 10.12 9.25 23.47
C GLN A 56 8.97 9.85 24.26
N THR A 57 7.82 9.21 24.16
CA THR A 57 6.67 9.57 24.96
C THR A 57 6.76 8.81 26.27
N VAL A 58 6.42 9.48 27.38
CA VAL A 58 6.51 8.89 28.73
C VAL A 58 5.43 7.83 28.94
N ARG A 59 5.86 6.63 29.34
CA ARG A 59 5.02 5.42 29.28
C ARG A 59 4.26 5.09 30.55
N GLY A 60 3.24 4.25 30.43
CA GLY A 60 2.50 3.77 31.58
C GLY A 60 1.17 4.46 31.76
N GLY A 61 1.04 5.67 31.24
CA GLY A 61 -0.22 6.42 31.35
C GLY A 61 -1.45 5.70 30.81
N THR A 62 -2.51 6.44 30.50
CA THR A 62 -3.62 5.84 29.77
C THR A 62 -3.30 5.80 28.26
N VAL A 63 -2.12 6.31 27.90
CA VAL A 63 -1.64 6.21 26.50
C VAL A 63 -1.36 4.78 26.13
N GLU A 64 -1.22 3.93 27.12
CA GLU A 64 -0.93 2.54 26.87
C GLU A 64 -2.10 1.95 26.08
N ARG A 65 -3.31 2.33 26.53
CA ARG A 65 -4.55 2.07 25.83
C ARG A 65 -4.45 2.38 24.34
N LEU A 66 -4.12 3.63 23.98
CA LEU A 66 -3.80 4.00 22.58
C LEU A 66 -2.78 3.04 21.98
N PHE A 67 -1.67 2.82 22.69
CA PHE A 67 -0.53 2.11 22.11
C PHE A 67 -0.78 0.65 21.84
N GLN A 68 -1.59 -0.02 22.67
CA GLN A 68 -1.86 -1.43 22.39
C GLN A 68 -2.85 -1.53 21.24
N ASN A 69 -3.69 -0.51 21.12
CA ASN A 69 -4.71 -0.50 20.08
C ASN A 69 -4.10 -0.35 18.69
N LEU A 70 -3.11 0.49 18.58
CA LEU A 70 -2.44 0.71 17.34
C LEU A 70 -1.59 -0.53 17.00
N SER A 71 -0.95 -1.07 18.03
CA SER A 71 -0.33 -2.40 18.02
C SER A 71 -1.23 -3.49 17.41
N LEU A 72 -2.50 -3.55 17.84
CA LEU A 72 -3.51 -4.44 17.22
C LEU A 72 -3.73 -4.15 15.72
N ILE A 73 -3.95 -2.87 15.42
CA ILE A 73 -4.17 -2.42 14.05
C ILE A 73 -2.98 -2.78 13.15
N LYS A 74 -1.77 -2.65 13.72
CA LYS A 74 -0.48 -2.96 13.07
C LYS A 74 -0.49 -4.44 12.69
N LYS A 75 -0.70 -5.31 13.68
CA LYS A 75 -0.93 -6.75 13.48
C LYS A 75 -1.88 -7.17 12.34
N TYR A 76 -3.06 -6.53 12.38
CA TYR A 76 -4.09 -6.67 11.35
C TYR A 76 -3.44 -6.50 10.01
N ILE A 77 -2.72 -5.39 9.86
CA ILE A 77 -2.12 -5.03 8.56
C ILE A 77 -0.88 -5.89 8.20
N ASP A 78 -0.17 -6.41 9.20
CA ASP A 78 0.91 -7.39 8.97
C ASP A 78 0.26 -8.64 8.35
N ARG A 79 -0.94 -8.99 8.82
CA ARG A 79 -1.73 -10.08 8.25
C ARG A 79 -2.27 -9.80 6.83
N GLN A 80 -2.84 -8.62 6.63
CA GLN A 80 -3.26 -8.19 5.31
C GLN A 80 -2.14 -8.35 4.28
N LYS A 81 -0.94 -7.99 4.71
CA LYS A 81 0.28 -7.97 3.89
C LYS A 81 0.77 -9.38 3.50
N GLU A 82 0.78 -10.32 4.46
CA GLU A 82 0.98 -11.73 4.17
C GLU A 82 -0.02 -12.26 3.16
N LYS A 83 -1.26 -11.77 3.22
CA LYS A 83 -2.32 -12.16 2.28
C LYS A 83 -2.08 -11.72 0.84
N CYS A 84 -1.08 -10.87 0.62
CA CYS A 84 -0.68 -10.47 -0.73
C CYS A 84 -0.04 -11.63 -1.59
N GLY A 85 0.84 -12.46 -1.02
CA GLY A 85 1.59 -13.44 -1.84
C GLY A 85 1.56 -14.86 -1.30
N GLU A 86 0.65 -15.10 -0.36
CA GLU A 86 0.48 -16.37 0.31
C GLU A 86 -0.21 -17.43 -0.58
N GLU A 87 -1.21 -16.97 -1.34
CA GLU A 87 -1.92 -17.78 -2.32
C GLU A 87 -1.34 -17.58 -3.76
N ARG A 88 -0.93 -18.68 -4.38
CA ARG A 88 -0.57 -18.65 -5.78
C ARG A 88 -1.77 -19.26 -6.49
N ARG A 89 -2.14 -18.65 -7.60
CA ARG A 89 -3.18 -19.20 -8.44
C ARG A 89 -2.68 -19.22 -9.88
N ARG A 90 -3.60 -19.50 -10.79
CA ARG A 90 -3.31 -19.58 -12.22
C ARG A 90 -3.32 -18.22 -12.90
N THR A 91 -2.67 -18.14 -14.05
CA THR A 91 -2.38 -16.87 -14.76
C THR A 91 -3.66 -16.07 -15.12
N ARG A 92 -4.76 -16.75 -15.30
CA ARG A 92 -5.99 -16.06 -15.59
C ARG A 92 -6.34 -15.18 -14.40
N GLN A 93 -6.45 -15.83 -13.24
CA GLN A 93 -6.89 -15.11 -12.04
C GLN A 93 -5.87 -14.12 -11.52
N PHE A 94 -4.61 -14.17 -11.99
CA PHE A 94 -3.62 -13.18 -11.59
C PHE A 94 -3.77 -11.98 -12.49
N LEU A 95 -4.00 -12.23 -13.78
CA LEU A 95 -4.34 -11.20 -14.79
C LEU A 95 -5.59 -10.44 -14.39
N ASP A 96 -6.64 -11.18 -14.06
CA ASP A 96 -7.87 -10.60 -13.48
C ASP A 96 -7.57 -9.52 -12.41
N TYR A 97 -6.77 -9.95 -11.42
CA TYR A 97 -6.34 -9.10 -10.33
C TYR A 97 -5.55 -7.88 -10.80
N LEU A 98 -4.72 -8.05 -11.84
CA LEU A 98 -3.86 -6.93 -12.35
C LEU A 98 -4.74 -6.00 -13.14
N GLN A 99 -5.67 -6.58 -13.89
CA GLN A 99 -6.68 -5.87 -14.65
C GLN A 99 -7.42 -4.85 -13.79
N GLU A 100 -7.93 -5.36 -12.69
CA GLU A 100 -8.69 -4.56 -11.76
C GLU A 100 -7.88 -3.67 -10.79
N PHE A 101 -6.60 -4.01 -10.53
CA PHE A 101 -5.69 -3.11 -9.89
C PHE A 101 -5.55 -1.87 -10.82
N LEU A 102 -5.08 -2.14 -12.04
CA LEU A 102 -5.00 -1.15 -13.11
C LEU A 102 -6.26 -0.30 -13.33
N GLY A 103 -7.42 -0.90 -13.04
CA GLY A 103 -8.73 -0.27 -13.24
C GLY A 103 -9.16 0.74 -12.20
N VAL A 104 -8.49 0.71 -11.05
CA VAL A 104 -8.83 1.54 -9.92
C VAL A 104 -7.73 2.59 -9.74
N LEU A 105 -6.68 2.42 -10.53
CA LEU A 105 -5.49 3.21 -10.44
C LEU A 105 -5.65 4.51 -11.28
N SER A 106 -6.56 4.41 -12.23
CA SER A 106 -7.06 5.56 -13.00
C SER A 106 -7.63 6.70 -12.13
N THR A 107 -7.90 6.41 -10.86
CA THR A 107 -8.58 7.37 -9.99
C THR A 107 -7.72 7.67 -8.76
N GLU A 108 -6.70 6.86 -8.55
CA GLU A 108 -5.91 6.92 -7.31
C GLU A 108 -5.03 8.18 -7.19
N TRP A 109 -5.09 9.05 -8.19
CA TRP A 109 -4.44 10.37 -8.15
C TRP A 109 -5.34 11.43 -8.77
N ILE B 3 6.52 12.66 -15.44
CA ILE B 3 5.09 13.05 -15.30
C ILE B 3 4.21 11.83 -14.95
N PRO B 4 3.13 12.07 -14.17
CA PRO B 4 2.08 11.09 -13.85
C PRO B 4 1.34 10.44 -15.05
N THR B 5 1.79 9.26 -15.43
CA THR B 5 1.04 8.25 -16.20
C THR B 5 -0.47 8.35 -15.96
N SER B 6 -1.22 8.71 -17.00
CA SER B 6 -2.64 9.10 -16.87
C SER B 6 -3.68 8.18 -17.54
N THR B 7 -3.41 7.89 -18.81
CA THR B 7 -4.30 7.23 -19.78
C THR B 7 -3.42 6.30 -20.59
N VAL B 8 -2.17 6.21 -20.14
CA VAL B 8 -1.25 5.12 -20.40
C VAL B 8 -1.80 3.91 -19.62
N VAL B 9 -2.83 4.18 -18.80
CA VAL B 9 -3.49 3.14 -18.04
C VAL B 9 -4.52 2.42 -18.91
N LYS B 10 -5.34 3.17 -19.65
CA LYS B 10 -6.28 2.56 -20.56
C LYS B 10 -5.61 1.77 -21.69
N GLU B 11 -4.44 2.21 -22.13
CA GLU B 11 -3.72 1.55 -23.21
C GLU B 11 -3.17 0.27 -22.68
N THR B 12 -2.64 0.32 -21.45
CA THR B 12 -2.15 -0.87 -20.71
C THR B 12 -3.31 -1.87 -20.49
N LEU B 13 -4.50 -1.34 -20.25
CA LEU B 13 -5.69 -2.16 -20.05
C LEU B 13 -6.11 -2.91 -21.35
N THR B 14 -5.96 -2.23 -22.47
CA THR B 14 -6.29 -2.70 -23.78
C THR B 14 -5.27 -3.75 -24.24
N GLN B 15 -4.00 -3.50 -23.99
CA GLN B 15 -2.98 -4.49 -24.30
C GLN B 15 -3.06 -5.73 -23.44
N LEU B 16 -3.49 -5.58 -22.19
CA LEU B 16 -3.58 -6.70 -21.27
C LEU B 16 -4.55 -7.71 -21.85
N SER B 17 -5.79 -7.27 -21.96
CA SER B 17 -6.83 -7.99 -22.65
C SER B 17 -6.39 -8.69 -23.98
N ALA B 18 -5.85 -7.89 -24.91
CA ALA B 18 -5.38 -8.36 -26.21
C ALA B 18 -4.23 -9.41 -26.16
N HIS B 19 -3.62 -9.61 -24.98
CA HIS B 19 -2.49 -10.58 -24.85
C HIS B 19 -2.76 -11.69 -23.82
N ARG B 20 -4.01 -11.79 -23.42
CA ARG B 20 -4.53 -12.76 -22.46
C ARG B 20 -4.40 -14.26 -22.91
N ALA B 21 -4.67 -14.58 -24.20
CA ALA B 21 -4.35 -15.91 -24.77
C ALA B 21 -2.84 -16.27 -24.64
N LEU B 22 -1.94 -15.38 -25.06
CA LEU B 22 -0.53 -15.60 -24.94
C LEU B 22 -0.15 -15.73 -23.45
N LEU B 23 -0.46 -14.72 -22.65
CA LEU B 23 -0.03 -14.67 -21.25
C LEU B 23 -0.60 -15.83 -20.42
N THR B 24 -1.84 -16.20 -20.71
CA THR B 24 -2.47 -17.31 -19.99
C THR B 24 -2.19 -18.68 -20.66
N SER B 25 -1.22 -18.70 -21.57
CA SER B 25 -0.90 -19.92 -22.34
C SER B 25 -0.07 -20.95 -21.55
N ASN B 26 0.83 -20.50 -20.67
CA ASN B 26 1.34 -21.41 -19.66
C ASN B 26 0.36 -21.62 -18.49
N GLU B 27 0.00 -22.91 -18.33
CA GLU B 27 -1.03 -23.40 -17.40
C GLU B 27 -0.47 -24.12 -16.17
N THR B 28 0.84 -24.29 -16.15
CA THR B 28 1.57 -24.84 -15.01
C THR B 28 2.02 -23.71 -14.06
N LEU B 29 2.00 -22.48 -14.56
CA LEU B 29 2.47 -21.33 -13.85
C LEU B 29 1.49 -20.98 -12.73
N ARG B 30 2.02 -20.92 -11.50
CA ARG B 30 1.32 -20.42 -10.33
C ARG B 30 1.92 -19.08 -9.83
N LEU B 31 1.10 -18.04 -9.85
CA LEU B 31 1.49 -16.65 -9.47
C LEU B 31 0.81 -16.15 -8.16
N PRO B 32 1.52 -15.37 -7.33
CA PRO B 32 0.87 -14.82 -6.09
C PRO B 32 -0.34 -13.96 -6.47
N VAL B 33 -1.51 -14.24 -5.92
CA VAL B 33 -2.69 -13.36 -6.08
C VAL B 33 -3.23 -12.99 -4.66
N PRO B 34 -3.24 -11.67 -4.33
CA PRO B 34 -3.73 -11.15 -3.05
C PRO B 34 -5.15 -11.64 -2.72
N THR B 35 -5.36 -12.03 -1.48
CA THR B 35 -6.66 -12.48 -1.01
C THR B 35 -7.71 -11.35 -0.93
N HIS B 36 -7.27 -10.10 -1.11
CA HIS B 36 -8.11 -8.96 -0.82
C HIS B 36 -7.84 -7.85 -1.83
N LYS B 37 -8.60 -6.76 -1.75
CA LYS B 37 -8.51 -5.70 -2.78
C LYS B 37 -7.79 -4.45 -2.31
N ASN B 38 -6.75 -4.62 -1.51
CA ASN B 38 -6.04 -3.47 -1.04
C ASN B 38 -4.71 -3.44 -1.75
N HIS B 39 -4.80 -2.97 -2.99
CA HIS B 39 -3.79 -3.16 -4.00
C HIS B 39 -2.45 -2.58 -3.58
N GLN B 40 -2.50 -1.41 -2.93
CA GLN B 40 -1.29 -0.61 -2.73
C GLN B 40 -0.48 -1.15 -1.56
N LEU B 41 -1.08 -2.02 -0.78
CA LEU B 41 -0.34 -2.66 0.30
C LEU B 41 0.44 -3.83 -0.25
N CYS B 42 0.18 -4.15 -1.52
CA CYS B 42 0.56 -5.42 -2.16
C CYS B 42 1.38 -5.26 -3.41
N ILE B 43 1.91 -4.05 -3.62
CA ILE B 43 2.54 -3.65 -4.89
C ILE B 43 3.73 -4.55 -5.19
N GLY B 44 4.42 -4.95 -4.13
CA GLY B 44 5.60 -5.81 -4.23
C GLY B 44 5.23 -7.11 -4.94
N GLU B 45 4.20 -7.79 -4.41
CA GLU B 45 3.74 -9.09 -4.84
C GLU B 45 3.14 -9.07 -6.29
N ILE B 46 2.34 -8.03 -6.55
CA ILE B 46 1.92 -7.66 -7.92
C ILE B 46 3.07 -7.67 -9.00
N PHE B 47 4.09 -6.84 -8.80
CA PHE B 47 5.20 -6.78 -9.71
C PHE B 47 6.27 -7.88 -9.61
N GLN B 48 6.28 -8.69 -8.54
CA GLN B 48 7.08 -9.94 -8.52
C GLN B 48 6.45 -11.06 -9.36
N GLY B 49 5.14 -11.19 -9.26
CA GLY B 49 4.40 -12.08 -10.14
C GLY B 49 4.45 -11.68 -11.60
N LEU B 50 4.18 -10.42 -11.90
CA LEU B 50 4.32 -9.89 -13.27
C LEU B 50 5.68 -10.29 -13.84
N ASP B 51 6.68 -10.25 -12.99
CA ASP B 51 8.05 -10.51 -13.36
C ASP B 51 8.38 -11.93 -13.75
N ILE B 52 8.00 -12.86 -12.85
CA ILE B 52 8.02 -14.29 -13.11
C ILE B 52 7.30 -14.54 -14.45
N LEU B 53 6.12 -13.96 -14.59
CA LEU B 53 5.31 -14.10 -15.82
C LEU B 53 6.12 -13.66 -17.07
N LYS B 54 6.61 -12.40 -17.08
CA LYS B 54 7.62 -11.91 -18.06
C LYS B 54 8.73 -12.93 -18.37
N ASN B 55 9.42 -13.40 -17.32
CA ASN B 55 10.59 -14.26 -17.52
C ASN B 55 10.29 -15.61 -18.17
N GLN B 56 9.03 -15.91 -18.45
CA GLN B 56 8.77 -17.08 -19.26
C GLN B 56 7.69 -16.90 -20.34
N THR B 57 7.25 -15.67 -20.51
CA THR B 57 6.52 -15.27 -21.69
C THR B 57 7.61 -15.05 -22.76
N VAL B 58 7.39 -15.49 -24.00
CA VAL B 58 8.35 -15.23 -25.06
C VAL B 58 8.33 -13.77 -25.51
N ARG B 59 9.53 -13.22 -25.66
CA ARG B 59 9.74 -11.78 -25.76
C ARG B 59 9.86 -11.28 -27.21
N GLY B 60 9.64 -9.97 -27.39
CA GLY B 60 9.83 -9.33 -28.71
C GLY B 60 8.51 -8.90 -29.36
N GLY B 61 7.45 -9.66 -29.10
CA GLY B 61 6.15 -9.41 -29.71
C GLY B 61 5.55 -8.03 -29.45
N THR B 62 4.26 -7.92 -29.70
CA THR B 62 3.52 -6.70 -29.40
C THR B 62 3.37 -6.56 -27.88
N VAL B 63 3.71 -7.62 -27.17
CA VAL B 63 3.56 -7.73 -25.74
C VAL B 63 4.60 -6.88 -25.03
N GLU B 64 5.63 -6.49 -25.76
CA GLU B 64 6.57 -5.56 -25.20
C GLU B 64 5.86 -4.23 -24.87
N ARG B 65 4.98 -3.79 -25.77
CA ARG B 65 4.18 -2.62 -25.49
C ARG B 65 3.67 -2.70 -24.06
N LEU B 66 2.87 -3.74 -23.79
CA LEU B 66 2.34 -4.06 -22.43
C LEU B 66 3.42 -4.07 -21.33
N PHE B 67 4.58 -4.68 -21.59
CA PHE B 67 5.64 -4.69 -20.57
C PHE B 67 6.37 -3.34 -20.32
N GLN B 68 6.46 -2.45 -21.30
CA GLN B 68 7.07 -1.14 -21.01
C GLN B 68 6.08 -0.26 -20.29
N ASN B 69 4.79 -0.44 -20.60
CA ASN B 69 3.71 0.28 -19.98
C ASN B 69 3.60 0.01 -18.47
N LEU B 70 3.74 -1.24 -18.07
CA LEU B 70 3.65 -1.53 -16.64
C LEU B 70 4.92 -1.09 -15.96
N SER B 71 6.03 -1.28 -16.65
CA SER B 71 7.31 -0.84 -16.24
C SER B 71 7.22 0.67 -15.91
N LEU B 72 6.47 1.40 -16.74
CA LEU B 72 6.28 2.82 -16.53
C LEU B 72 5.48 3.05 -15.23
N ILE B 73 4.36 2.34 -15.09
CA ILE B 73 3.57 2.48 -13.91
C ILE B 73 4.35 2.10 -12.65
N LYS B 74 5.17 1.05 -12.76
CA LYS B 74 6.00 0.57 -11.66
C LYS B 74 6.82 1.76 -11.10
N LYS B 75 7.60 2.39 -11.99
CA LYS B 75 8.41 3.58 -11.70
C LYS B 75 7.61 4.76 -11.07
N TYR B 76 6.45 5.03 -11.62
CA TYR B 76 5.63 6.02 -10.99
C TYR B 76 5.26 5.64 -9.54
N ILE B 77 4.92 4.39 -9.30
CA ILE B 77 4.69 3.98 -7.91
C ILE B 77 5.98 3.94 -7.03
N ASP B 78 7.11 3.53 -7.62
CA ASP B 78 8.37 3.58 -6.92
C ASP B 78 8.61 5.03 -6.42
N ARG B 79 8.21 6.00 -7.24
CA ARG B 79 8.26 7.42 -6.85
C ARG B 79 7.20 7.83 -5.82
N GLN B 80 5.95 7.38 -5.93
CA GLN B 80 4.98 7.62 -4.84
C GLN B 80 5.52 7.09 -3.50
N LYS B 81 6.26 5.98 -3.55
CA LYS B 81 6.67 5.28 -2.32
C LYS B 81 7.83 6.00 -1.59
N GLU B 82 8.77 6.56 -2.39
CA GLU B 82 9.77 7.52 -1.94
C GLU B 82 9.16 8.77 -1.32
N LYS B 83 7.98 9.16 -1.79
CA LYS B 83 7.27 10.31 -1.20
C LYS B 83 6.56 10.01 0.16
N CYS B 84 6.82 8.83 0.72
CA CYS B 84 6.28 8.51 2.04
C CYS B 84 7.12 9.09 3.15
N GLY B 85 8.45 9.03 3.02
CA GLY B 85 9.29 9.35 4.15
C GLY B 85 10.25 10.47 3.85
N GLU B 86 10.02 11.10 2.70
CA GLU B 86 10.98 12.05 2.16
C GLU B 86 10.94 13.41 2.87
N GLU B 87 9.71 13.77 3.22
CA GLU B 87 9.42 15.01 3.89
C GLU B 87 9.17 14.65 5.35
N ARG B 88 9.96 15.23 6.24
CA ARG B 88 9.77 15.08 7.65
C ARG B 88 9.15 16.37 8.10
N ARG B 89 8.03 16.27 8.81
CA ARG B 89 7.34 17.43 9.38
C ARG B 89 7.20 17.28 10.89
N ARG B 90 6.53 18.22 11.54
CA ARG B 90 6.39 18.17 12.99
C ARG B 90 5.21 17.31 13.44
N THR B 91 5.18 16.96 14.73
CA THR B 91 4.28 15.91 15.25
C THR B 91 2.81 16.19 15.02
N ARG B 92 2.38 17.43 15.06
CA ARG B 92 0.97 17.57 14.90
C ARG B 92 0.54 17.26 13.48
N GLN B 93 1.38 17.54 12.49
CA GLN B 93 1.02 17.27 11.11
C GLN B 93 1.21 15.79 10.77
N PHE B 94 1.99 15.10 11.62
CA PHE B 94 2.12 13.64 11.56
C PHE B 94 0.88 12.99 12.15
N LEU B 95 0.47 13.54 13.30
CA LEU B 95 -0.73 13.10 13.97
C LEU B 95 -1.99 13.36 13.13
N ASP B 96 -2.10 14.54 12.52
CA ASP B 96 -3.13 14.79 11.48
C ASP B 96 -3.20 13.65 10.42
N TYR B 97 -2.07 13.26 9.87
CA TYR B 97 -2.04 12.26 8.81
C TYR B 97 -2.36 10.84 9.31
N LEU B 98 -1.97 10.57 10.55
CA LEU B 98 -2.28 9.33 11.20
C LEU B 98 -3.81 9.28 11.43
N GLN B 99 -4.34 10.35 12.01
CA GLN B 99 -5.75 10.39 12.32
C GLN B 99 -6.58 10.13 11.07
N GLU B 100 -6.13 10.63 9.94
CA GLU B 100 -6.96 10.56 8.77
C GLU B 100 -6.70 9.26 8.03
N PHE B 101 -5.53 8.67 8.25
CA PHE B 101 -5.28 7.30 7.80
C PHE B 101 -6.21 6.36 8.57
N LEU B 102 -6.14 6.40 9.91
CA LEU B 102 -7.08 5.62 10.70
C LEU B 102 -8.51 5.91 10.26
N GLY B 103 -8.72 7.10 9.69
CA GLY B 103 -10.07 7.61 9.35
C GLY B 103 -10.78 6.94 8.19
N VAL B 104 -10.01 6.48 7.22
CA VAL B 104 -10.51 5.80 6.02
C VAL B 104 -10.30 4.29 6.14
N LEU B 105 -9.82 3.89 7.33
CA LEU B 105 -9.46 2.51 7.63
C LEU B 105 -10.67 1.83 8.24
N SER B 106 -11.57 2.65 8.79
CA SER B 106 -12.85 2.14 9.23
C SER B 106 -13.78 1.77 8.07
N THR B 107 -13.34 1.94 6.82
CA THR B 107 -14.20 1.48 5.70
C THR B 107 -13.89 0.09 5.13
N GLU B 108 -14.39 -0.88 5.89
CA GLU B 108 -14.22 -2.32 5.74
C GLU B 108 -15.27 -2.82 6.70
#